data_1MDF
#
_entry.id   1MDF
#
_cell.length_a   65.450
_cell.length_b   65.450
_cell.length_c   106.720
_cell.angle_alpha   90.00
_cell.angle_beta   90.00
_cell.angle_gamma   120.00
#
_symmetry.space_group_name_H-M   'P 31'
#
loop_
_entity.id
_entity.type
_entity.pdbx_description
1 polymer '2,3-dihydroxybenzoate-AMP ligase'
2 non-polymer 'SULFATE ION'
3 water water
#
_entity_poly.entity_id   1
_entity_poly.type   'polypeptide(L)'
_entity_poly.pdbx_seq_one_letter_code
;MLKGFTPWPDELAETYRKNGCWAGETFGDLLRDRAAKYGDRIAITCGNTHWSYRELDTRADRLAAGFQKLGIQQKDRVVV
QLPNIKEFFEVIFALFRLGALPVFALPSHRSSEITYFCEFAEAAAYIIPDAYSGFDYRSLARQVQSKLPTLKNIIVAGEA
EEFLPLEDLHTEPVKLPEVKSSDVAFLQLSGGSTGLSKLIPRTHDDYIYSLKRSVEVCWLDHSTVYLAALPMAHNYPLSS
PGVLGVLYAGGRVVLSPSPSPDDAFPLIEREKVTITALVPPLAMVWMDAASSRRDDLSSLQVLQVGGAKFSAEAARRVKA
VFGCTLQQVFGMAEGLVNYTRLDDPEEIIVNTQGKPMSPYDESRVWDDHDRDVKPGETGHLLTRGPYTIRGYYKAEEHNA
ASFTEDGFYRTGDIVRLTRDGYIVVEGRAKDQINRGGEKVAAEEVENHLLAHPAVHDAAMVSMPDQFLGERSCVFIIPRD
EAPKAAELKAFLRERGLAAYKIPDRVEFVESFPQTGVGKVSKKALREAISEKLLAGFKK
;
_entity_poly.pdbx_strand_id   A
#
loop_
_chem_comp.id
_chem_comp.type
_chem_comp.name
_chem_comp.formula
SO4 non-polymer 'SULFATE ION' 'O4 S -2'
#
# COMPACT_ATOMS: atom_id res chain seq x y z
N MET A 1 2.15 -25.27 11.40
CA MET A 1 1.89 -23.84 11.08
C MET A 1 3.08 -22.98 11.47
N LEU A 2 3.30 -21.89 10.73
CA LEU A 2 4.40 -20.99 11.02
C LEU A 2 4.29 -20.47 12.45
N LYS A 3 5.40 -20.42 13.16
CA LYS A 3 5.40 -19.93 14.53
C LYS A 3 5.15 -18.42 14.51
N GLY A 4 4.16 -17.97 15.26
CA GLY A 4 3.85 -16.55 15.32
C GLY A 4 2.61 -16.21 14.52
N PHE A 5 2.02 -17.22 13.89
CA PHE A 5 0.84 -17.06 13.06
C PHE A 5 -0.45 -17.43 13.80
N THR A 6 -1.45 -16.56 13.71
CA THR A 6 -2.74 -16.79 14.34
C THR A 6 -3.73 -17.24 13.26
N PRO A 7 -4.26 -18.47 13.39
CA PRO A 7 -5.22 -19.00 12.41
C PRO A 7 -6.58 -18.33 12.49
N TRP A 8 -7.38 -18.58 11.47
CA TRP A 8 -8.75 -18.10 11.41
C TRP A 8 -9.46 -19.18 12.24
N PRO A 9 -10.71 -18.91 12.66
CA PRO A 9 -11.44 -19.91 13.46
C PRO A 9 -11.81 -21.11 12.57
N ASP A 10 -12.04 -22.26 13.19
CA ASP A 10 -12.39 -23.47 12.44
C ASP A 10 -13.70 -23.31 11.65
N GLU A 11 -14.68 -22.65 12.26
CA GLU A 11 -15.99 -22.44 11.62
C GLU A 11 -15.87 -21.53 10.41
N LEU A 12 -15.22 -20.38 10.61
CA LEU A 12 -15.02 -19.41 9.56
C LEU A 12 -14.21 -20.04 8.43
N ALA A 13 -13.00 -20.48 8.74
CA ALA A 13 -12.14 -21.10 7.73
C ALA A 13 -12.94 -22.11 6.90
N GLU A 14 -13.62 -23.02 7.59
CA GLU A 14 -14.43 -24.04 6.93
C GLU A 14 -15.49 -23.39 6.03
N THR A 15 -16.07 -22.29 6.50
CA THR A 15 -17.10 -21.59 5.73
C THR A 15 -16.50 -20.85 4.56
N TYR A 16 -15.26 -20.41 4.72
CA TYR A 16 -14.56 -19.67 3.69
C TYR A 16 -14.18 -20.61 2.54
N ARG A 17 -14.10 -21.89 2.86
CA ARG A 17 -13.76 -22.90 1.86
C ARG A 17 -15.04 -23.36 1.17
N LYS A 18 -16.13 -23.42 1.93
CA LYS A 18 -17.43 -23.84 1.42
C LYS A 18 -18.00 -22.80 0.45
N ASN A 19 -17.82 -21.52 0.77
CA ASN A 19 -18.30 -20.44 -0.07
C ASN A 19 -17.36 -20.11 -1.22
N GLY A 20 -16.30 -20.92 -1.37
CA GLY A 20 -15.36 -20.72 -2.45
C GLY A 20 -14.44 -19.51 -2.38
N CYS A 21 -14.23 -18.96 -1.20
CA CYS A 21 -13.35 -17.79 -1.07
C CYS A 21 -11.91 -18.29 -1.05
N TRP A 22 -11.67 -19.35 -0.29
CA TRP A 22 -10.34 -19.94 -0.23
C TRP A 22 -10.34 -21.09 -1.23
N ALA A 23 -9.71 -20.89 -2.39
CA ALA A 23 -9.67 -21.88 -3.46
C ALA A 23 -8.66 -23.03 -3.41
N GLY A 24 -8.00 -23.22 -2.28
CA GLY A 24 -7.04 -24.31 -2.17
C GLY A 24 -5.91 -24.38 -3.18
N GLU A 25 -5.51 -23.23 -3.74
CA GLU A 25 -4.41 -23.18 -4.71
C GLU A 25 -3.37 -22.20 -4.20
N THR A 26 -2.09 -22.49 -4.43
CA THR A 26 -1.00 -21.61 -3.99
C THR A 26 -0.57 -20.65 -5.11
N PHE A 27 0.35 -19.75 -4.80
CA PHE A 27 0.85 -18.82 -5.81
C PHE A 27 1.63 -19.63 -6.84
N GLY A 28 2.29 -20.69 -6.39
CA GLY A 28 3.02 -21.55 -7.30
C GLY A 28 2.05 -22.20 -8.26
N ASP A 29 0.85 -22.52 -7.76
CA ASP A 29 -0.19 -23.14 -8.57
C ASP A 29 -0.73 -22.11 -9.56
N LEU A 30 -0.90 -20.88 -9.08
CA LEU A 30 -1.43 -19.80 -9.90
C LEU A 30 -0.57 -19.53 -11.13
N LEU A 31 0.72 -19.31 -10.91
CA LEU A 31 1.65 -19.05 -12.00
C LEU A 31 1.77 -20.23 -12.95
N ARG A 32 1.77 -21.45 -12.42
CA ARG A 32 1.89 -22.63 -13.26
C ARG A 32 0.72 -22.64 -14.24
N ASP A 33 -0.47 -22.56 -13.67
CA ASP A 33 -1.70 -22.56 -14.43
C ASP A 33 -1.78 -21.42 -15.44
N ARG A 34 -1.41 -20.21 -15.04
CA ARG A 34 -1.46 -19.08 -15.95
C ARG A 34 -0.42 -19.26 -17.07
N ALA A 35 0.78 -19.73 -16.72
CA ALA A 35 1.81 -19.92 -17.74
C ALA A 35 1.34 -20.97 -18.74
N ALA A 36 0.72 -22.04 -18.25
CA ALA A 36 0.21 -23.10 -19.12
C ALA A 36 -0.94 -22.56 -19.97
N LYS A 37 -1.76 -21.70 -19.37
CA LYS A 37 -2.88 -21.12 -20.08
C LYS A 37 -2.49 -19.98 -21.04
N TYR A 38 -1.67 -19.05 -20.56
CA TYR A 38 -1.26 -17.88 -21.36
C TYR A 38 0.07 -17.98 -22.13
N GLY A 39 0.88 -18.98 -21.80
CA GLY A 39 2.14 -19.15 -22.49
C GLY A 39 2.97 -17.92 -22.84
N ASP A 40 3.01 -17.60 -24.14
CA ASP A 40 3.82 -16.48 -24.63
C ASP A 40 3.29 -15.07 -24.43
N ARG A 41 2.10 -14.94 -23.84
CA ARG A 41 1.53 -13.63 -23.61
C ARG A 41 2.46 -12.82 -22.70
N ILE A 42 2.64 -11.53 -22.99
CA ILE A 42 3.50 -10.68 -22.15
C ILE A 42 2.86 -10.44 -20.79
N ALA A 43 3.59 -10.83 -19.75
CA ALA A 43 3.11 -10.69 -18.39
C ALA A 43 3.67 -9.43 -17.73
N ILE A 44 4.95 -9.19 -17.93
CA ILE A 44 5.62 -8.06 -17.33
C ILE A 44 6.39 -7.25 -18.37
N THR A 45 6.25 -5.92 -18.32
CA THR A 45 6.95 -5.04 -19.26
C THR A 45 7.80 -4.05 -18.48
N CYS A 46 9.09 -3.99 -18.79
CA CYS A 46 9.99 -3.05 -18.12
C CYS A 46 10.90 -2.48 -19.18
N GLY A 47 10.75 -1.19 -19.46
CA GLY A 47 11.56 -0.56 -20.48
C GLY A 47 11.35 -1.24 -21.82
N ASN A 48 12.46 -1.59 -22.46
CA ASN A 48 12.42 -2.29 -23.76
C ASN A 48 12.39 -3.80 -23.59
N THR A 49 12.30 -4.27 -22.34
CA THR A 49 12.28 -5.70 -22.06
C THR A 49 10.89 -6.24 -21.70
N HIS A 50 10.69 -7.53 -22.00
CA HIS A 50 9.43 -8.20 -21.74
C HIS A 50 9.65 -9.62 -21.22
N TRP A 51 8.68 -10.11 -20.47
CA TRP A 51 8.71 -11.48 -19.92
C TRP A 51 7.32 -12.12 -20.06
N SER A 52 7.22 -13.15 -20.91
CA SER A 52 5.95 -13.85 -21.07
C SER A 52 5.65 -14.63 -19.79
N TYR A 53 4.39 -14.95 -19.54
CA TYR A 53 4.01 -15.71 -18.36
C TYR A 53 4.83 -17.01 -18.28
N ARG A 54 5.00 -17.67 -19.43
CA ARG A 54 5.75 -18.92 -19.51
C ARG A 54 7.20 -18.70 -19.06
N GLU A 55 7.75 -17.55 -19.40
CA GLU A 55 9.11 -17.21 -19.03
C GLU A 55 9.26 -16.97 -17.52
N LEU A 56 8.25 -16.33 -16.93
CA LEU A 56 8.24 -16.04 -15.51
C LEU A 56 8.20 -17.37 -14.78
N ASP A 57 7.23 -18.19 -15.17
CA ASP A 57 7.03 -19.51 -14.59
C ASP A 57 8.38 -20.24 -14.54
N THR A 58 9.09 -20.26 -15.67
CA THR A 58 10.39 -20.94 -15.77
C THR A 58 11.48 -20.30 -14.91
N ARG A 59 11.71 -19.00 -15.07
CA ARG A 59 12.74 -18.31 -14.29
C ARG A 59 12.50 -18.53 -12.80
N ALA A 60 11.22 -18.58 -12.41
CA ALA A 60 10.84 -18.83 -11.03
C ALA A 60 11.34 -20.21 -10.56
N ASP A 61 11.11 -21.25 -11.37
CA ASP A 61 11.55 -22.61 -11.02
C ASP A 61 13.06 -22.68 -10.93
N ARG A 62 13.73 -22.11 -11.90
CA ARG A 62 15.18 -22.14 -11.88
C ARG A 62 15.70 -21.41 -10.65
N LEU A 63 15.14 -20.24 -10.37
CA LEU A 63 15.57 -19.47 -9.23
C LEU A 63 15.33 -20.22 -7.92
N ALA A 64 14.26 -21.01 -7.89
CA ALA A 64 13.94 -21.80 -6.70
C ALA A 64 15.02 -22.84 -6.46
N ALA A 65 15.44 -23.51 -7.53
CA ALA A 65 16.50 -24.52 -7.41
C ALA A 65 17.75 -23.89 -6.81
N GLY A 66 18.13 -22.72 -7.33
CA GLY A 66 19.30 -22.02 -6.84
C GLY A 66 19.17 -21.64 -5.37
N PHE A 67 18.00 -21.12 -5.01
CA PHE A 67 17.77 -20.73 -3.63
C PHE A 67 17.89 -21.96 -2.73
N GLN A 68 17.18 -23.02 -3.10
CA GLN A 68 17.24 -24.24 -2.29
C GLN A 68 18.68 -24.66 -2.14
N LYS A 69 19.39 -24.73 -3.26
CA LYS A 69 20.79 -25.11 -3.28
C LYS A 69 21.61 -24.21 -2.36
N LEU A 70 21.30 -22.92 -2.36
CA LEU A 70 22.01 -21.96 -1.52
C LEU A 70 21.76 -22.25 -0.03
N GLY A 71 20.59 -22.82 0.27
CA GLY A 71 20.28 -23.16 1.66
C GLY A 71 18.96 -22.65 2.21
N ILE A 72 18.17 -21.96 1.40
CA ILE A 72 16.89 -21.44 1.88
C ILE A 72 15.87 -22.58 1.99
N GLN A 73 15.23 -22.68 3.14
CA GLN A 73 14.26 -23.75 3.38
C GLN A 73 12.82 -23.27 3.48
N GLN A 74 11.91 -24.24 3.51
CA GLN A 74 10.50 -23.93 3.64
C GLN A 74 10.30 -23.32 5.02
N LYS A 75 9.56 -22.21 5.05
CA LYS A 75 9.28 -21.46 6.27
C LYS A 75 10.33 -20.38 6.58
N ASP A 76 11.45 -20.39 5.86
CA ASP A 76 12.48 -19.38 6.10
C ASP A 76 12.06 -18.01 5.59
N ARG A 77 12.23 -16.97 6.42
CA ARG A 77 11.87 -15.63 5.98
C ARG A 77 13.01 -15.00 5.20
N VAL A 78 12.67 -14.34 4.10
CA VAL A 78 13.65 -13.65 3.27
C VAL A 78 13.20 -12.19 3.15
N VAL A 79 14.09 -11.25 3.45
CA VAL A 79 13.73 -9.84 3.33
C VAL A 79 13.93 -9.44 1.89
N VAL A 80 12.85 -9.04 1.24
CA VAL A 80 12.89 -8.63 -0.17
C VAL A 80 12.67 -7.13 -0.29
N GLN A 81 13.73 -6.39 -0.65
CA GLN A 81 13.65 -4.95 -0.84
C GLN A 81 14.12 -4.54 -2.25
N LEU A 82 13.26 -4.77 -3.25
CA LEU A 82 13.59 -4.45 -4.64
C LEU A 82 12.75 -3.30 -5.18
N PRO A 83 13.21 -2.63 -6.25
CA PRO A 83 12.43 -1.52 -6.81
C PRO A 83 11.42 -2.15 -7.77
N ASN A 84 10.81 -1.35 -8.64
CA ASN A 84 9.86 -1.89 -9.62
C ASN A 84 10.62 -2.47 -10.83
N ILE A 85 11.24 -3.64 -10.63
CA ILE A 85 11.98 -4.31 -11.70
C ILE A 85 11.40 -5.72 -11.91
N LYS A 86 11.83 -6.39 -12.98
CA LYS A 86 11.34 -7.74 -13.32
C LYS A 86 11.74 -8.79 -12.29
N GLU A 87 12.98 -8.71 -11.80
CA GLU A 87 13.50 -9.66 -10.82
C GLU A 87 12.56 -9.88 -9.64
N PHE A 88 11.88 -8.82 -9.21
CA PHE A 88 10.94 -8.90 -8.08
C PHE A 88 9.96 -10.06 -8.24
N PHE A 89 9.37 -10.19 -9.42
CA PHE A 89 8.40 -11.24 -9.66
C PHE A 89 8.96 -12.66 -9.60
N GLU A 90 10.04 -12.92 -10.32
CA GLU A 90 10.65 -14.24 -10.33
C GLU A 90 11.18 -14.58 -8.94
N VAL A 91 11.62 -13.58 -8.22
CA VAL A 91 12.12 -13.80 -6.87
C VAL A 91 11.04 -14.26 -5.88
N ILE A 92 9.92 -13.54 -5.80
CA ILE A 92 8.89 -13.93 -4.84
C ILE A 92 8.22 -15.26 -5.21
N PHE A 93 7.99 -15.48 -6.51
CA PHE A 93 7.37 -16.73 -6.91
C PHE A 93 8.30 -17.91 -6.71
N ALA A 94 9.60 -17.63 -6.69
CA ALA A 94 10.59 -18.67 -6.48
C ALA A 94 10.52 -18.99 -4.99
N LEU A 95 10.45 -17.96 -4.18
CA LEU A 95 10.35 -18.13 -2.75
C LEU A 95 9.04 -18.83 -2.41
N PHE A 96 8.01 -18.55 -3.21
CA PHE A 96 6.70 -19.16 -3.00
C PHE A 96 6.74 -20.67 -3.19
N ARG A 97 7.47 -21.13 -4.21
CA ARG A 97 7.57 -22.55 -4.49
C ARG A 97 8.46 -23.27 -3.49
N LEU A 98 9.33 -22.52 -2.81
CA LEU A 98 10.23 -23.08 -1.80
C LEU A 98 9.49 -23.02 -0.46
N GLY A 99 8.29 -22.47 -0.48
CA GLY A 99 7.57 -22.34 0.76
C GLY A 99 8.28 -21.30 1.62
N ALA A 100 9.29 -20.64 1.06
CA ALA A 100 10.06 -19.62 1.78
C ALA A 100 9.20 -18.36 1.86
N LEU A 101 9.31 -17.65 2.96
CA LEU A 101 8.50 -16.47 3.18
C LEU A 101 9.15 -15.11 2.99
N PRO A 102 8.66 -14.35 2.01
CA PRO A 102 9.20 -13.02 1.72
C PRO A 102 8.74 -11.99 2.77
N VAL A 103 9.55 -10.95 3.00
CA VAL A 103 9.20 -9.89 3.92
C VAL A 103 9.33 -8.65 3.04
N PHE A 104 8.19 -8.17 2.59
CA PHE A 104 8.14 -7.04 1.68
C PHE A 104 8.53 -5.67 2.21
N ALA A 105 9.83 -5.39 2.20
CA ALA A 105 10.34 -4.09 2.63
C ALA A 105 10.25 -3.16 1.43
N LEU A 106 10.27 -1.86 1.68
CA LEU A 106 10.19 -0.88 0.60
C LEU A 106 11.54 -0.25 0.31
N PRO A 107 11.78 0.15 -0.93
CA PRO A 107 13.06 0.76 -1.30
C PRO A 107 13.43 2.02 -0.51
N SER A 108 12.50 2.51 0.31
CA SER A 108 12.76 3.70 1.11
C SER A 108 13.26 3.38 2.52
N HIS A 109 13.33 2.10 2.85
CA HIS A 109 13.79 1.64 4.16
C HIS A 109 15.31 1.61 4.27
N ARG A 110 15.82 2.02 5.42
CA ARG A 110 17.27 2.05 5.60
C ARG A 110 17.82 1.02 6.58
N SER A 111 19.04 1.24 7.06
CA SER A 111 19.67 0.28 7.96
C SER A 111 18.84 -0.05 9.20
N SER A 112 18.37 0.97 9.89
CA SER A 112 17.57 0.79 11.10
C SER A 112 16.35 -0.08 10.88
N GLU A 113 15.64 0.17 9.78
CA GLU A 113 14.44 -0.58 9.46
C GLU A 113 14.69 -1.98 8.90
N ILE A 114 15.73 -2.13 8.09
CA ILE A 114 16.06 -3.43 7.53
C ILE A 114 16.60 -4.36 8.62
N THR A 115 17.49 -3.83 9.46
CA THR A 115 18.06 -4.63 10.54
C THR A 115 16.94 -5.20 11.41
N TYR A 116 15.98 -4.36 11.77
CA TYR A 116 14.83 -4.79 12.56
C TYR A 116 14.11 -5.95 11.84
N PHE A 117 13.82 -5.75 10.56
CA PHE A 117 13.15 -6.77 9.76
C PHE A 117 13.91 -8.09 9.77
N CYS A 118 15.19 -8.04 9.44
CA CYS A 118 15.99 -9.26 9.42
C CYS A 118 16.11 -9.89 10.81
N GLU A 119 16.27 -9.06 11.82
CA GLU A 119 16.38 -9.56 13.19
C GLU A 119 15.06 -10.20 13.60
N PHE A 120 14.02 -9.37 13.66
CA PHE A 120 12.68 -9.80 14.06
C PHE A 120 12.15 -11.01 13.30
N ALA A 121 12.34 -11.03 12.00
CA ALA A 121 11.86 -12.14 11.18
C ALA A 121 12.92 -13.23 11.09
N GLU A 122 14.08 -12.96 11.67
CA GLU A 122 15.20 -13.91 11.67
C GLU A 122 15.55 -14.35 10.28
N ALA A 123 15.52 -13.39 9.35
CA ALA A 123 15.80 -13.63 7.93
C ALA A 123 17.03 -14.46 7.64
N ALA A 124 16.89 -15.38 6.69
CA ALA A 124 17.98 -16.25 6.28
C ALA A 124 18.59 -15.70 5.00
N ALA A 125 18.03 -14.59 4.52
CA ALA A 125 18.52 -13.96 3.30
C ALA A 125 17.97 -12.54 3.15
N TYR A 126 18.72 -11.73 2.41
CA TYR A 126 18.39 -10.33 2.16
C TYR A 126 18.58 -10.11 0.65
N ILE A 127 17.49 -9.78 -0.05
CA ILE A 127 17.54 -9.56 -1.49
C ILE A 127 17.34 -8.08 -1.87
N ILE A 128 18.33 -7.52 -2.56
CA ILE A 128 18.31 -6.11 -2.96
C ILE A 128 18.86 -5.86 -4.37
N PRO A 129 18.83 -4.59 -4.80
CA PRO A 129 19.34 -4.22 -6.12
C PRO A 129 20.74 -3.64 -5.85
N ASP A 130 21.56 -3.49 -6.87
CA ASP A 130 22.86 -2.91 -6.61
C ASP A 130 22.60 -1.45 -6.22
N ALA A 131 21.82 -0.76 -7.05
CA ALA A 131 21.48 0.64 -6.82
C ALA A 131 20.15 1.03 -7.46
N TYR A 132 19.47 1.98 -6.82
CA TYR A 132 18.21 2.47 -7.31
C TYR A 132 18.03 3.94 -6.91
N SER A 133 17.45 4.72 -7.82
CA SER A 133 17.19 6.13 -7.59
C SER A 133 18.35 6.84 -6.85
N GLY A 134 19.57 6.56 -7.27
CA GLY A 134 20.73 7.19 -6.67
C GLY A 134 21.18 6.68 -5.31
N PHE A 135 20.63 5.56 -4.86
CA PHE A 135 21.01 5.01 -3.57
C PHE A 135 21.66 3.65 -3.76
N ASP A 136 22.80 3.45 -3.11
CA ASP A 136 23.52 2.18 -3.21
C ASP A 136 23.06 1.27 -2.10
N TYR A 137 22.33 0.22 -2.46
CA TYR A 137 21.82 -0.72 -1.46
C TYR A 137 22.83 -1.72 -0.89
N ARG A 138 23.90 -1.99 -1.62
CA ARG A 138 24.91 -2.91 -1.11
C ARG A 138 25.64 -2.27 0.06
N SER A 139 25.80 -0.94 0.02
CA SER A 139 26.45 -0.25 1.12
C SER A 139 25.52 -0.28 2.32
N LEU A 140 24.22 -0.28 2.06
CA LEU A 140 23.21 -0.38 3.12
C LEU A 140 23.30 -1.78 3.70
N ALA A 141 23.54 -2.76 2.82
CA ALA A 141 23.65 -4.15 3.21
C ALA A 141 24.88 -4.34 4.11
N ARG A 142 25.96 -3.64 3.82
CA ARG A 142 27.15 -3.77 4.66
C ARG A 142 26.83 -3.21 6.04
N GLN A 143 26.06 -2.12 6.09
CA GLN A 143 25.69 -1.52 7.36
C GLN A 143 24.83 -2.48 8.17
N VAL A 144 24.03 -3.27 7.48
CA VAL A 144 23.17 -4.24 8.15
C VAL A 144 24.00 -5.36 8.76
N GLN A 145 24.94 -5.90 7.99
CA GLN A 145 25.77 -7.00 8.47
C GLN A 145 26.60 -6.63 9.68
N SER A 146 27.21 -5.44 9.67
CA SER A 146 28.00 -5.04 10.81
C SER A 146 27.12 -5.06 12.05
N LYS A 147 25.87 -4.62 11.91
CA LYS A 147 24.94 -4.62 13.04
C LYS A 147 24.18 -5.95 13.14
N LEU A 148 24.46 -6.89 12.27
CA LEU A 148 23.76 -8.18 12.30
C LEU A 148 24.55 -9.25 11.53
N PRO A 149 25.79 -9.53 11.95
CA PRO A 149 26.71 -10.51 11.34
C PRO A 149 26.12 -11.89 11.03
N THR A 150 25.15 -12.31 11.82
CA THR A 150 24.52 -13.60 11.61
C THR A 150 23.96 -13.72 10.18
N LEU A 151 23.39 -12.62 9.69
CA LEU A 151 22.83 -12.55 8.34
C LEU A 151 23.93 -12.89 7.34
N LYS A 152 23.85 -14.08 6.73
CA LYS A 152 24.88 -14.50 5.78
C LYS A 152 24.59 -14.60 4.27
N ASN A 153 23.32 -14.47 3.86
CA ASN A 153 23.02 -14.57 2.43
C ASN A 153 22.43 -13.32 1.79
N ILE A 154 23.28 -12.36 1.44
CA ILE A 154 22.87 -11.12 0.78
C ILE A 154 22.92 -11.36 -0.73
N ILE A 155 21.75 -11.42 -1.36
CA ILE A 155 21.64 -11.65 -2.81
C ILE A 155 21.43 -10.30 -3.52
N VAL A 156 22.09 -10.08 -4.66
CA VAL A 156 21.96 -8.81 -5.35
C VAL A 156 21.60 -8.84 -6.83
N ALA A 157 20.42 -8.30 -7.15
CA ALA A 157 19.97 -8.22 -8.54
C ALA A 157 20.74 -7.06 -9.17
N GLY A 158 21.85 -7.39 -9.82
CA GLY A 158 22.71 -6.39 -10.43
C GLY A 158 24.17 -6.71 -10.15
N GLU A 159 25.00 -5.67 -10.01
CA GLU A 159 26.42 -5.87 -9.74
C GLU A 159 26.65 -6.22 -8.26
N ALA A 160 26.64 -7.52 -7.98
CA ALA A 160 26.79 -8.05 -6.63
C ALA A 160 28.03 -7.61 -5.84
N GLU A 161 29.10 -7.26 -6.55
CA GLU A 161 30.34 -6.88 -5.89
C GLU A 161 30.77 -8.07 -5.04
N GLU A 162 30.84 -7.92 -3.72
CA GLU A 162 31.26 -9.03 -2.88
C GLU A 162 30.11 -9.94 -2.49
N PHE A 163 28.90 -9.61 -2.92
CA PHE A 163 27.75 -10.43 -2.55
C PHE A 163 27.37 -11.51 -3.55
N LEU A 164 26.24 -12.15 -3.27
CA LEU A 164 25.74 -13.23 -4.11
C LEU A 164 24.85 -12.70 -5.24
N PRO A 165 25.34 -12.76 -6.48
CA PRO A 165 24.62 -12.32 -7.68
C PRO A 165 23.34 -13.13 -7.93
N LEU A 166 22.19 -12.49 -7.78
CA LEU A 166 20.92 -13.19 -7.99
C LEU A 166 20.86 -13.97 -9.29
N GLU A 167 21.49 -13.45 -10.35
CA GLU A 167 21.46 -14.08 -11.66
C GLU A 167 22.11 -15.47 -11.74
N ASP A 168 23.02 -15.76 -10.82
CA ASP A 168 23.67 -17.06 -10.84
C ASP A 168 22.96 -18.03 -9.90
N LEU A 169 21.79 -17.63 -9.42
CA LEU A 169 21.01 -18.49 -8.54
C LEU A 169 19.97 -19.22 -9.39
N HIS A 170 20.11 -19.11 -10.71
CA HIS A 170 19.22 -19.78 -11.65
C HIS A 170 19.93 -21.05 -12.09
N THR A 171 19.30 -22.19 -11.86
CA THR A 171 19.90 -23.46 -12.26
C THR A 171 18.82 -24.47 -12.60
N GLU A 172 19.24 -25.67 -12.97
CA GLU A 172 18.32 -26.75 -13.35
C GLU A 172 17.21 -26.98 -12.33
N PRO A 173 15.94 -26.88 -12.76
CA PRO A 173 14.77 -27.06 -11.91
C PRO A 173 14.75 -28.37 -11.13
N VAL A 174 14.23 -28.35 -9.92
CA VAL A 174 14.18 -29.54 -9.08
C VAL A 174 12.81 -29.75 -8.43
N LYS A 175 12.64 -30.87 -7.74
CA LYS A 175 11.38 -31.14 -7.06
C LYS A 175 11.41 -30.40 -5.73
N LEU A 176 10.44 -29.52 -5.50
CA LEU A 176 10.37 -28.78 -4.25
C LEU A 176 9.28 -29.35 -3.34
N PRO A 177 9.44 -29.23 -2.01
CA PRO A 177 8.48 -29.73 -1.02
C PRO A 177 7.05 -29.24 -1.26
N GLU A 178 6.10 -29.94 -0.65
CA GLU A 178 4.69 -29.58 -0.78
C GLU A 178 4.42 -28.18 -0.22
N VAL A 179 3.58 -27.41 -0.90
CA VAL A 179 3.23 -26.07 -0.43
C VAL A 179 1.70 -25.96 -0.37
N LYS A 180 1.17 -25.89 0.85
CA LYS A 180 -0.27 -25.80 1.07
C LYS A 180 -0.83 -24.39 0.93
N SER A 181 -1.96 -24.26 0.27
CA SER A 181 -2.60 -22.96 0.11
C SER A 181 -2.95 -22.40 1.48
N SER A 182 -2.97 -23.27 2.48
CA SER A 182 -3.28 -22.87 3.84
C SER A 182 -2.05 -22.35 4.58
N ASP A 183 -0.87 -22.58 4.02
CA ASP A 183 0.37 -22.11 4.63
C ASP A 183 0.49 -20.59 4.51
N VAL A 184 1.28 -19.98 5.40
CA VAL A 184 1.52 -18.55 5.32
C VAL A 184 2.42 -18.38 4.10
N ALA A 185 2.04 -17.49 3.17
CA ALA A 185 2.82 -17.27 1.95
C ALA A 185 3.89 -16.18 2.08
N PHE A 186 3.61 -15.15 2.89
CA PHE A 186 4.57 -14.06 3.07
C PHE A 186 4.18 -13.13 4.20
N LEU A 187 5.08 -12.21 4.54
CA LEU A 187 4.84 -11.25 5.61
C LEU A 187 4.82 -9.84 5.05
N GLN A 188 3.75 -9.12 5.35
CA GLN A 188 3.60 -7.75 4.90
C GLN A 188 3.96 -6.80 6.02
N LEU A 189 3.94 -5.51 5.74
CA LEU A 189 4.27 -4.53 6.77
C LEU A 189 3.07 -3.64 6.98
N SER A 190 2.64 -3.50 8.23
CA SER A 190 1.50 -2.64 8.52
C SER A 190 1.86 -1.23 8.07
N GLY A 191 0.88 -0.34 8.01
CA GLY A 191 1.15 1.01 7.57
C GLY A 191 0.74 2.13 8.52
N GLY A 192 0.88 1.91 9.82
CA GLY A 192 0.53 2.93 10.78
C GLY A 192 1.66 3.93 11.01
N SER A 193 1.65 4.60 12.15
CA SER A 193 2.69 5.57 12.49
C SER A 193 3.66 4.94 13.47
N THR A 194 4.58 5.74 14.01
CA THR A 194 5.57 5.27 14.98
C THR A 194 6.83 4.72 14.32
N GLY A 195 6.66 3.76 13.42
CA GLY A 195 7.82 3.21 12.75
C GLY A 195 8.05 1.74 12.98
N LEU A 196 7.91 1.29 14.24
CA LEU A 196 8.11 -0.12 14.57
C LEU A 196 7.82 -0.99 13.35
N SER A 197 6.58 -0.93 12.89
CA SER A 197 6.12 -1.68 11.74
C SER A 197 5.93 -3.13 12.13
N LYS A 198 4.67 -3.53 12.27
CA LYS A 198 4.33 -4.88 12.64
C LYS A 198 4.33 -5.70 11.36
N LEU A 199 4.62 -7.00 11.48
CA LEU A 199 4.60 -7.85 10.30
C LEU A 199 3.22 -8.49 10.17
N ILE A 200 2.82 -8.79 8.95
CA ILE A 200 1.50 -9.37 8.70
C ILE A 200 1.49 -10.67 7.92
N PRO A 201 1.21 -11.80 8.58
CA PRO A 201 1.18 -13.10 7.93
C PRO A 201 -0.06 -13.22 7.04
N ARG A 202 0.18 -13.45 5.74
CA ARG A 202 -0.89 -13.62 4.78
C ARG A 202 -0.71 -14.99 4.11
N THR A 203 -1.80 -15.77 4.05
CA THR A 203 -1.76 -17.10 3.46
C THR A 203 -2.02 -17.09 1.97
N HIS A 204 -1.76 -18.21 1.31
CA HIS A 204 -1.98 -18.32 -0.13
C HIS A 204 -3.47 -18.16 -0.42
N ASP A 205 -4.31 -18.76 0.41
CA ASP A 205 -5.74 -18.67 0.18
C ASP A 205 -6.33 -17.29 0.35
N ASP A 206 -6.15 -16.68 1.52
CA ASP A 206 -6.76 -15.37 1.73
C ASP A 206 -6.24 -14.28 0.82
N TYR A 207 -4.96 -14.32 0.47
CA TYR A 207 -4.42 -13.29 -0.40
C TYR A 207 -4.84 -13.48 -1.86
N ILE A 208 -4.90 -14.73 -2.30
CA ILE A 208 -5.30 -15.03 -3.67
C ILE A 208 -6.78 -14.67 -3.83
N TYR A 209 -7.52 -14.78 -2.73
CA TYR A 209 -8.93 -14.43 -2.75
C TYR A 209 -9.06 -12.92 -2.90
N SER A 210 -8.21 -12.19 -2.18
CA SER A 210 -8.25 -10.73 -2.27
C SER A 210 -7.96 -10.34 -3.71
N LEU A 211 -7.03 -11.03 -4.37
CA LEU A 211 -6.71 -10.71 -5.75
C LEU A 211 -7.93 -10.91 -6.64
N LYS A 212 -8.53 -12.10 -6.53
CA LYS A 212 -9.71 -12.44 -7.31
C LYS A 212 -10.84 -11.44 -7.21
N ARG A 213 -11.28 -11.14 -5.99
CA ARG A 213 -12.36 -10.19 -5.79
C ARG A 213 -11.95 -8.79 -6.27
N SER A 214 -10.63 -8.55 -6.29
CA SER A 214 -10.12 -7.25 -6.73
C SER A 214 -10.23 -7.14 -8.25
N VAL A 215 -9.94 -8.24 -8.95
CA VAL A 215 -10.00 -8.24 -10.39
C VAL A 215 -11.44 -8.07 -10.87
N GLU A 216 -12.37 -8.72 -10.19
CA GLU A 216 -13.78 -8.63 -10.56
C GLU A 216 -14.28 -7.20 -10.35
N VAL A 217 -13.98 -6.61 -9.21
CA VAL A 217 -14.40 -5.25 -8.91
C VAL A 217 -13.74 -4.17 -9.79
N CYS A 218 -12.50 -4.42 -10.24
CA CYS A 218 -11.79 -3.45 -11.06
C CYS A 218 -11.78 -3.80 -12.54
N TRP A 219 -12.56 -4.84 -12.87
CA TRP A 219 -12.71 -5.34 -14.24
C TRP A 219 -11.44 -5.66 -15.01
N LEU A 220 -10.50 -6.32 -14.36
CA LEU A 220 -9.27 -6.69 -15.06
C LEU A 220 -9.49 -7.93 -15.91
N ASP A 221 -8.78 -8.01 -17.02
CA ASP A 221 -8.83 -9.14 -17.94
C ASP A 221 -7.61 -9.06 -18.85
N HIS A 222 -7.51 -9.96 -19.83
CA HIS A 222 -6.37 -9.99 -20.73
C HIS A 222 -6.03 -8.66 -21.39
N SER A 223 -6.96 -7.71 -21.38
CA SER A 223 -6.73 -6.41 -22.01
C SER A 223 -6.23 -5.36 -21.06
N THR A 224 -6.14 -5.71 -19.78
CA THR A 224 -5.69 -4.77 -18.77
C THR A 224 -4.19 -4.51 -18.88
N VAL A 225 -3.84 -3.23 -18.90
CA VAL A 225 -2.44 -2.83 -18.97
C VAL A 225 -2.28 -1.90 -17.76
N TYR A 226 -1.74 -2.47 -16.70
CA TYR A 226 -1.54 -1.78 -15.42
C TYR A 226 -0.15 -1.17 -15.27
N LEU A 227 -0.09 0.12 -15.00
CA LEU A 227 1.19 0.79 -14.80
C LEU A 227 1.54 0.78 -13.32
N ALA A 228 2.63 0.13 -12.97
CA ALA A 228 3.09 0.10 -11.59
C ALA A 228 3.85 1.41 -11.39
N ALA A 229 3.21 2.38 -10.73
CA ALA A 229 3.84 3.68 -10.50
C ALA A 229 4.33 3.81 -9.05
N LEU A 230 3.57 3.26 -8.12
CA LEU A 230 3.91 3.29 -6.70
C LEU A 230 4.84 2.11 -6.45
N PRO A 231 5.68 2.18 -5.41
CA PRO A 231 6.55 1.03 -5.17
C PRO A 231 5.58 -0.16 -5.03
N MET A 232 5.69 -1.11 -5.95
CA MET A 232 4.78 -2.26 -5.98
C MET A 232 4.87 -3.27 -4.86
N ALA A 233 5.73 -3.04 -3.89
CA ALA A 233 5.85 -3.96 -2.76
C ALA A 233 4.72 -3.72 -1.78
N HIS A 234 4.26 -2.48 -1.71
CA HIS A 234 3.17 -2.09 -0.81
C HIS A 234 1.89 -2.82 -1.22
N ASN A 235 1.10 -3.25 -0.22
CA ASN A 235 -0.16 -3.99 -0.43
C ASN A 235 -1.07 -3.42 -1.53
N TYR A 236 -1.16 -2.10 -1.61
CA TYR A 236 -1.99 -1.39 -2.56
C TYR A 236 -1.56 -1.59 -4.03
N PRO A 237 -0.36 -1.11 -4.42
CA PRO A 237 0.05 -1.30 -5.82
C PRO A 237 0.43 -2.75 -6.10
N LEU A 238 0.31 -3.59 -5.08
CA LEU A 238 0.66 -5.01 -5.20
C LEU A 238 -0.53 -5.96 -5.31
N SER A 239 -1.71 -5.52 -4.87
CA SER A 239 -2.88 -6.41 -4.88
C SER A 239 -4.26 -5.75 -4.91
N SER A 240 -4.32 -4.43 -4.99
CA SER A 240 -5.61 -3.74 -4.99
C SER A 240 -5.94 -2.93 -6.25
N PRO A 241 -5.95 -3.57 -7.43
CA PRO A 241 -5.67 -4.99 -7.65
C PRO A 241 -4.17 -5.26 -7.80
N GLY A 242 -3.38 -4.18 -7.92
CA GLY A 242 -1.94 -4.31 -8.02
C GLY A 242 -1.39 -5.20 -9.12
N VAL A 243 -0.06 -5.31 -9.19
CA VAL A 243 0.63 -6.12 -10.19
C VAL A 243 0.23 -7.59 -10.15
N LEU A 244 0.00 -8.13 -8.96
CA LEU A 244 -0.40 -9.53 -8.85
C LEU A 244 -1.84 -9.74 -9.31
N GLY A 245 -2.70 -8.78 -9.03
CA GLY A 245 -4.10 -8.90 -9.46
C GLY A 245 -4.10 -8.97 -10.97
N VAL A 246 -3.15 -8.26 -11.57
CA VAL A 246 -3.02 -8.25 -13.02
C VAL A 246 -2.53 -9.61 -13.53
N LEU A 247 -1.62 -10.25 -12.80
CA LEU A 247 -1.13 -11.54 -13.23
C LEU A 247 -2.32 -12.50 -13.20
N TYR A 248 -3.04 -12.46 -12.09
CA TYR A 248 -4.21 -13.31 -11.89
C TYR A 248 -5.20 -13.22 -13.06
N ALA A 249 -5.46 -12.01 -13.53
CA ALA A 249 -6.41 -11.79 -14.63
C ALA A 249 -5.77 -11.97 -15.99
N GLY A 250 -4.49 -12.35 -15.99
CA GLY A 250 -3.79 -12.55 -17.26
C GLY A 250 -3.62 -11.25 -18.02
N GLY A 251 -3.66 -10.13 -17.31
CA GLY A 251 -3.48 -8.85 -17.97
C GLY A 251 -2.01 -8.62 -18.23
N ARG A 252 -1.60 -7.35 -18.27
CA ARG A 252 -0.22 -7.01 -18.55
C ARG A 252 0.28 -5.90 -17.64
N VAL A 253 1.45 -6.12 -17.03
CA VAL A 253 2.02 -5.15 -16.11
C VAL A 253 3.16 -4.32 -16.70
N VAL A 254 3.10 -3.01 -16.48
CA VAL A 254 4.10 -2.06 -16.94
C VAL A 254 4.83 -1.48 -15.71
N LEU A 255 6.16 -1.68 -15.67
CA LEU A 255 6.95 -1.19 -14.54
C LEU A 255 7.56 0.19 -14.73
N SER A 256 7.16 1.13 -13.89
CA SER A 256 7.70 2.48 -14.00
C SER A 256 8.86 2.73 -13.04
N PRO A 257 9.97 3.27 -13.56
CA PRO A 257 11.15 3.56 -12.76
C PRO A 257 10.86 4.46 -11.56
N SER A 258 9.86 5.34 -11.68
CA SER A 258 9.47 6.23 -10.59
C SER A 258 8.00 6.64 -10.74
N PRO A 259 7.37 7.10 -9.64
CA PRO A 259 5.96 7.53 -9.66
C PRO A 259 5.75 8.85 -10.41
N SER A 260 6.84 9.50 -10.75
CA SER A 260 6.80 10.78 -11.44
C SER A 260 6.15 10.78 -12.82
N PRO A 261 5.44 11.87 -13.16
CA PRO A 261 4.81 11.93 -14.49
C PRO A 261 5.88 11.83 -15.57
N ASP A 262 7.07 12.36 -15.27
CA ASP A 262 8.17 12.32 -16.23
C ASP A 262 8.42 10.88 -16.69
N ASP A 263 8.29 9.94 -15.78
CA ASP A 263 8.49 8.54 -16.13
C ASP A 263 7.19 7.83 -16.53
N ALA A 264 6.10 8.18 -15.86
CA ALA A 264 4.78 7.58 -16.08
C ALA A 264 4.04 7.97 -17.36
N PHE A 265 3.90 9.27 -17.60
CA PHE A 265 3.20 9.74 -18.77
C PHE A 265 3.66 9.11 -20.08
N PRO A 266 4.97 9.16 -20.38
CA PRO A 266 5.45 8.55 -21.63
C PRO A 266 5.06 7.07 -21.71
N LEU A 267 5.21 6.38 -20.59
CA LEU A 267 4.87 4.96 -20.53
C LEU A 267 3.38 4.71 -20.74
N ILE A 268 2.53 5.61 -20.26
CA ILE A 268 1.09 5.43 -20.45
C ILE A 268 0.76 5.53 -21.95
N GLU A 269 1.35 6.51 -22.62
CA GLU A 269 1.12 6.70 -24.05
C GLU A 269 1.71 5.57 -24.86
N ARG A 270 2.97 5.22 -24.57
CA ARG A 270 3.66 4.16 -25.29
C ARG A 270 3.08 2.75 -25.10
N GLU A 271 2.93 2.30 -23.85
CA GLU A 271 2.40 0.97 -23.59
C GLU A 271 0.88 0.91 -23.52
N LYS A 272 0.23 2.07 -23.68
CA LYS A 272 -1.23 2.19 -23.64
C LYS A 272 -1.86 1.55 -22.41
N VAL A 273 -1.38 1.95 -21.24
CA VAL A 273 -1.91 1.44 -20.00
C VAL A 273 -3.38 1.83 -19.82
N THR A 274 -4.19 0.89 -19.34
CA THR A 274 -5.62 1.14 -19.12
C THR A 274 -5.90 1.43 -17.66
N ILE A 275 -4.89 1.23 -16.82
CA ILE A 275 -5.08 1.49 -15.40
C ILE A 275 -3.78 1.63 -14.61
N THR A 276 -3.83 2.46 -13.58
CA THR A 276 -2.69 2.66 -12.71
C THR A 276 -3.22 3.15 -11.35
N ALA A 277 -2.36 3.18 -10.34
CA ALA A 277 -2.75 3.58 -8.99
C ALA A 277 -1.83 4.63 -8.37
N LEU A 278 -2.44 5.60 -7.70
CA LEU A 278 -1.72 6.70 -7.08
C LEU A 278 -2.25 6.92 -5.67
N VAL A 279 -1.55 7.76 -4.91
CA VAL A 279 -1.96 8.14 -3.57
C VAL A 279 -2.20 9.63 -3.70
N PRO A 280 -2.97 10.22 -2.77
CA PRO A 280 -3.29 11.65 -2.77
C PRO A 280 -2.19 12.63 -3.19
N PRO A 281 -1.10 12.73 -2.42
CA PRO A 281 -0.03 13.66 -2.79
C PRO A 281 0.40 13.53 -4.24
N LEU A 282 0.58 12.30 -4.71
CA LEU A 282 1.02 12.04 -6.08
C LEU A 282 -0.06 12.42 -7.12
N ALA A 283 -1.33 12.27 -6.76
CA ALA A 283 -2.42 12.61 -7.66
C ALA A 283 -2.37 14.09 -7.97
N MET A 284 -2.09 14.89 -6.94
CA MET A 284 -1.99 16.34 -7.14
C MET A 284 -0.91 16.57 -8.19
N VAL A 285 0.27 16.01 -7.92
CA VAL A 285 1.42 16.15 -8.83
C VAL A 285 1.04 15.82 -10.27
N TRP A 286 0.32 14.71 -10.45
CA TRP A 286 -0.09 14.30 -11.77
C TRP A 286 -1.07 15.29 -12.39
N MET A 287 -2.06 15.73 -11.62
CA MET A 287 -3.06 16.68 -12.12
C MET A 287 -2.40 17.96 -12.60
N ASP A 288 -1.38 18.43 -11.89
CA ASP A 288 -0.68 19.64 -12.34
C ASP A 288 -0.04 19.29 -13.67
N ALA A 289 0.75 18.22 -13.66
CA ALA A 289 1.47 17.78 -14.85
C ALA A 289 0.58 17.53 -16.06
N ALA A 290 -0.59 16.95 -15.84
CA ALA A 290 -1.52 16.66 -16.94
C ALA A 290 -1.91 17.92 -17.71
N SER A 291 -1.74 19.08 -17.07
CA SER A 291 -2.08 20.36 -17.69
C SER A 291 -0.92 20.88 -18.52
N SER A 292 0.16 21.28 -17.84
CA SER A 292 1.33 21.81 -18.51
C SER A 292 2.31 20.70 -18.91
N ARG A 293 1.84 19.81 -19.77
CA ARG A 293 2.64 18.67 -20.25
C ARG A 293 1.68 17.79 -21.05
N ARG A 294 1.50 18.11 -22.32
CA ARG A 294 0.57 17.37 -23.17
C ARG A 294 1.11 16.13 -23.88
N ASP A 295 0.62 14.98 -23.46
CA ASP A 295 0.96 13.69 -24.08
C ASP A 295 -0.24 12.77 -23.93
N ASP A 296 -0.34 11.78 -24.81
CA ASP A 296 -1.47 10.87 -24.81
C ASP A 296 -1.66 9.98 -23.59
N LEU A 297 -2.69 10.28 -22.82
CA LEU A 297 -3.01 9.49 -21.63
C LEU A 297 -4.43 8.96 -21.80
N SER A 298 -4.98 9.15 -23.00
CA SER A 298 -6.35 8.73 -23.28
C SER A 298 -6.63 7.22 -23.13
N SER A 299 -5.65 6.36 -23.32
CA SER A 299 -5.89 4.93 -23.18
C SER A 299 -6.35 4.64 -21.76
N LEU A 300 -6.00 5.55 -20.85
CA LEU A 300 -6.34 5.42 -19.44
C LEU A 300 -7.85 5.26 -19.22
N GLN A 301 -8.23 4.22 -18.49
CA GLN A 301 -9.64 3.93 -18.22
C GLN A 301 -10.05 4.11 -16.76
N VAL A 302 -9.13 3.76 -15.86
CA VAL A 302 -9.35 3.82 -14.42
C VAL A 302 -8.13 4.40 -13.69
N LEU A 303 -8.35 5.46 -12.91
CA LEU A 303 -7.26 6.03 -12.14
C LEU A 303 -7.61 5.75 -10.68
N GLN A 304 -6.76 5.01 -9.97
CA GLN A 304 -7.00 4.70 -8.56
C GLN A 304 -6.23 5.66 -7.67
N VAL A 305 -6.90 6.17 -6.65
CA VAL A 305 -6.27 7.05 -5.68
C VAL A 305 -6.64 6.47 -4.32
N GLY A 306 -5.64 6.12 -3.53
CA GLY A 306 -5.84 5.56 -2.21
C GLY A 306 -4.59 5.63 -1.38
N GLY A 307 -4.53 4.86 -0.31
CA GLY A 307 -3.39 4.88 0.59
C GLY A 307 -3.78 5.82 1.72
N ALA A 308 -4.49 6.88 1.35
CA ALA A 308 -5.01 7.88 2.26
C ALA A 308 -6.18 8.51 1.51
N LYS A 309 -7.11 9.13 2.23
CA LYS A 309 -8.28 9.72 1.61
C LYS A 309 -7.95 10.77 0.57
N PHE A 310 -8.66 10.71 -0.54
CA PHE A 310 -8.49 11.65 -1.63
C PHE A 310 -9.66 12.65 -1.54
N SER A 311 -9.41 13.77 -0.85
CA SER A 311 -10.39 14.84 -0.64
C SER A 311 -11.23 15.14 -1.89
N ALA A 312 -12.54 15.22 -1.71
CA ALA A 312 -13.46 15.47 -2.82
C ALA A 312 -13.08 16.65 -3.70
N GLU A 313 -12.58 17.73 -3.10
CA GLU A 313 -12.19 18.93 -3.84
C GLU A 313 -11.21 18.62 -4.96
N ALA A 314 -10.41 17.58 -4.78
CA ALA A 314 -9.43 17.16 -5.79
C ALA A 314 -10.03 16.02 -6.61
N ALA A 315 -10.63 15.07 -5.91
CA ALA A 315 -11.24 13.91 -6.55
C ALA A 315 -12.15 14.29 -7.72
N ARG A 316 -12.96 15.32 -7.52
CA ARG A 316 -13.91 15.79 -8.53
C ARG A 316 -13.27 16.11 -9.88
N ARG A 317 -12.00 16.54 -9.86
CA ARG A 317 -11.27 16.91 -11.07
C ARG A 317 -10.75 15.78 -11.97
N VAL A 318 -10.46 14.62 -11.37
CA VAL A 318 -9.94 13.47 -12.12
C VAL A 318 -10.60 13.25 -13.48
N LYS A 319 -11.92 13.16 -13.50
CA LYS A 319 -12.66 12.93 -14.73
C LYS A 319 -12.26 13.87 -15.84
N ALA A 320 -12.35 15.18 -15.56
CA ALA A 320 -12.01 16.20 -16.55
C ALA A 320 -10.54 16.18 -16.95
N VAL A 321 -9.66 16.19 -15.96
CA VAL A 321 -8.22 16.20 -16.21
C VAL A 321 -7.70 14.99 -16.97
N PHE A 322 -8.17 13.79 -16.61
CA PHE A 322 -7.67 12.56 -17.24
C PHE A 322 -8.53 11.84 -18.28
N GLY A 323 -9.83 12.12 -18.31
CA GLY A 323 -10.68 11.46 -19.29
C GLY A 323 -10.94 10.00 -18.99
N CYS A 324 -10.91 9.64 -17.72
CA CYS A 324 -11.16 8.27 -17.31
C CYS A 324 -11.96 8.32 -16.02
N THR A 325 -12.24 7.15 -15.47
CA THR A 325 -13.00 7.07 -14.24
C THR A 325 -12.11 6.97 -13.00
N LEU A 326 -12.40 7.78 -12.00
CA LEU A 326 -11.63 7.76 -10.76
C LEU A 326 -12.12 6.59 -9.92
N GLN A 327 -11.23 5.98 -9.15
CA GLN A 327 -11.61 4.90 -8.29
C GLN A 327 -10.89 5.05 -6.98
N GLN A 328 -11.63 5.34 -5.92
CA GLN A 328 -11.00 5.49 -4.63
C GLN A 328 -10.82 4.11 -4.03
N VAL A 329 -9.66 3.89 -3.42
CA VAL A 329 -9.34 2.61 -2.81
C VAL A 329 -8.94 2.87 -1.37
N PHE A 330 -9.68 2.26 -0.44
CA PHE A 330 -9.39 2.41 0.98
C PHE A 330 -9.14 1.03 1.54
N GLY A 331 -7.91 0.56 1.40
CA GLY A 331 -7.57 -0.75 1.88
C GLY A 331 -6.53 -0.65 2.97
N MET A 332 -6.11 -1.82 3.48
CA MET A 332 -5.11 -1.91 4.53
C MET A 332 -4.37 -3.22 4.28
N ALA A 333 -3.11 -3.28 4.68
CA ALA A 333 -2.32 -4.49 4.48
C ALA A 333 -2.73 -5.60 5.45
N GLU A 334 -3.54 -5.25 6.43
CA GLU A 334 -4.01 -6.23 7.40
C GLU A 334 -5.18 -7.01 6.83
N GLY A 335 -5.76 -6.51 5.75
CA GLY A 335 -6.89 -7.19 5.13
C GLY A 335 -7.84 -6.33 4.31
N LEU A 336 -9.00 -6.05 4.88
CA LEU A 336 -10.05 -5.27 4.23
C LEU A 336 -9.63 -4.22 3.19
N VAL A 337 -10.28 -4.28 2.03
CA VAL A 337 -10.04 -3.35 0.93
C VAL A 337 -11.38 -2.87 0.37
N ASN A 338 -11.58 -1.55 0.36
CA ASN A 338 -12.81 -0.96 -0.13
C ASN A 338 -12.58 -0.24 -1.45
N TYR A 339 -13.46 -0.47 -2.43
CA TYR A 339 -13.34 0.19 -3.73
C TYR A 339 -14.63 0.86 -4.13
N THR A 340 -14.54 1.99 -4.82
CA THR A 340 -15.75 2.60 -5.33
C THR A 340 -15.93 1.74 -6.58
N ARG A 341 -17.15 1.43 -6.95
CA ARG A 341 -17.34 0.60 -8.14
C ARG A 341 -17.18 1.44 -9.39
N LEU A 342 -16.71 0.82 -10.47
CA LEU A 342 -16.53 1.54 -11.73
C LEU A 342 -17.88 1.94 -12.32
N ASP A 343 -18.95 1.39 -11.74
CA ASP A 343 -20.34 1.59 -12.15
C ASP A 343 -20.95 2.86 -11.57
N ASP A 344 -21.10 2.86 -10.26
CA ASP A 344 -21.77 3.96 -9.56
C ASP A 344 -21.49 5.40 -9.98
N PRO A 345 -22.41 6.31 -9.60
CA PRO A 345 -22.43 7.76 -9.86
C PRO A 345 -21.17 8.52 -9.48
N GLU A 346 -20.91 9.60 -10.20
CA GLU A 346 -19.75 10.45 -9.95
C GLU A 346 -19.78 10.96 -8.52
N GLU A 347 -20.96 11.31 -8.03
CA GLU A 347 -21.10 11.81 -6.67
C GLU A 347 -20.46 10.84 -5.67
N ILE A 348 -20.76 9.56 -5.84
CA ILE A 348 -20.23 8.51 -4.97
C ILE A 348 -18.72 8.35 -5.08
N ILE A 349 -18.24 8.23 -6.33
CA ILE A 349 -16.82 8.07 -6.60
C ILE A 349 -16.01 9.24 -6.04
N VAL A 350 -16.63 10.42 -6.01
CA VAL A 350 -15.99 11.63 -5.55
C VAL A 350 -16.11 11.90 -4.07
N ASN A 351 -17.13 11.34 -3.45
CA ASN A 351 -17.37 11.59 -2.03
C ASN A 351 -17.23 10.43 -1.07
N THR A 352 -16.87 9.25 -1.56
CA THR A 352 -16.71 8.11 -0.66
C THR A 352 -15.42 7.35 -0.92
N GLN A 353 -15.10 6.45 0.00
CA GLN A 353 -13.90 5.64 -0.12
C GLN A 353 -14.28 4.21 -0.51
N GLY A 354 -15.51 4.04 -0.99
CA GLY A 354 -15.97 2.72 -1.43
C GLY A 354 -16.58 1.84 -0.36
N LYS A 355 -16.83 0.58 -0.72
CA LYS A 355 -17.39 -0.39 0.23
C LYS A 355 -16.63 -1.69 0.08
N PRO A 356 -16.66 -2.54 1.13
CA PRO A 356 -15.97 -3.83 1.12
C PRO A 356 -16.12 -4.60 -0.18
N MET A 357 -15.00 -5.12 -0.68
CA MET A 357 -14.98 -5.86 -1.93
C MET A 357 -15.52 -7.28 -1.78
N SER A 358 -15.73 -7.73 -0.55
CA SER A 358 -16.23 -9.08 -0.33
C SER A 358 -17.49 -9.14 0.54
N PRO A 359 -18.54 -9.83 0.05
CA PRO A 359 -19.80 -9.97 0.76
C PRO A 359 -19.56 -10.56 2.14
N TYR A 360 -18.37 -11.10 2.34
CA TYR A 360 -18.04 -11.69 3.63
C TYR A 360 -17.18 -10.78 4.47
N ASP A 361 -17.07 -9.53 4.05
CA ASP A 361 -16.32 -8.56 4.83
C ASP A 361 -17.31 -8.01 5.84
N GLU A 362 -16.90 -7.89 7.10
CA GLU A 362 -17.78 -7.36 8.14
C GLU A 362 -17.25 -6.03 8.69
N SER A 363 -18.15 -5.21 9.23
CA SER A 363 -17.74 -3.93 9.78
C SER A 363 -18.50 -3.50 11.03
N ARG A 364 -17.79 -2.89 11.96
CA ARG A 364 -18.40 -2.43 13.21
C ARG A 364 -17.89 -1.04 13.60
N VAL A 365 -18.63 0.01 13.25
CA VAL A 365 -18.23 1.35 13.62
C VAL A 365 -18.60 1.53 15.09
N TRP A 366 -17.60 1.73 15.95
CA TRP A 366 -17.86 1.90 17.38
C TRP A 366 -17.41 3.24 17.93
N ASP A 367 -17.76 3.50 19.18
CA ASP A 367 -17.36 4.73 19.85
C ASP A 367 -16.24 4.39 20.82
N ASP A 368 -15.82 5.36 21.63
CA ASP A 368 -14.74 5.16 22.57
C ASP A 368 -14.96 4.03 23.59
N HIS A 369 -16.16 3.46 23.61
CA HIS A 369 -16.46 2.40 24.57
C HIS A 369 -16.84 1.04 23.98
N ASP A 370 -16.78 0.92 22.66
CA ASP A 370 -17.11 -0.32 21.97
C ASP A 370 -18.60 -0.58 21.84
N ARG A 371 -19.35 0.50 21.56
CA ARG A 371 -20.79 0.41 21.38
C ARG A 371 -21.09 0.73 19.92
N ASP A 372 -21.84 -0.13 19.24
CA ASP A 372 -22.17 0.11 17.85
C ASP A 372 -22.72 1.53 17.69
N VAL A 373 -21.86 2.47 17.37
CA VAL A 373 -22.28 3.86 17.21
C VAL A 373 -23.55 3.93 16.36
N LYS A 374 -24.33 4.98 16.54
CA LYS A 374 -25.58 5.13 15.81
C LYS A 374 -25.37 5.25 14.32
N PRO A 375 -26.16 4.50 13.54
CA PRO A 375 -26.10 4.48 12.07
C PRO A 375 -25.85 5.85 11.45
N GLY A 376 -24.83 5.94 10.61
CA GLY A 376 -24.50 7.19 9.96
C GLY A 376 -23.48 8.00 10.75
N GLU A 377 -23.42 7.75 12.05
CA GLU A 377 -22.48 8.46 12.91
C GLU A 377 -21.03 8.04 12.68
N THR A 378 -20.12 8.90 13.13
CA THR A 378 -18.69 8.66 12.99
C THR A 378 -18.17 7.84 14.16
N GLY A 379 -17.13 7.05 13.91
CA GLY A 379 -16.56 6.23 14.96
C GLY A 379 -15.37 5.39 14.53
N HIS A 380 -14.87 4.58 15.45
CA HIS A 380 -13.73 3.71 15.20
C HIS A 380 -14.13 2.48 14.38
N LEU A 381 -13.36 2.20 13.31
CA LEU A 381 -13.64 1.08 12.41
C LEU A 381 -12.99 -0.24 12.81
N LEU A 382 -13.79 -1.31 12.75
CA LEU A 382 -13.33 -2.65 13.04
C LEU A 382 -13.89 -3.50 11.91
N THR A 383 -13.11 -4.46 11.43
CA THR A 383 -13.55 -5.30 10.33
C THR A 383 -13.13 -6.74 10.57
N ARG A 384 -13.80 -7.66 9.87
CA ARG A 384 -13.50 -9.09 9.99
C ARG A 384 -13.84 -9.77 8.66
N GLY A 385 -12.97 -10.65 8.20
CA GLY A 385 -13.26 -11.30 6.93
C GLY A 385 -12.36 -12.42 6.43
N PRO A 386 -12.65 -12.89 5.21
CA PRO A 386 -11.93 -13.97 4.52
C PRO A 386 -10.46 -13.64 4.19
N TYR A 387 -10.10 -12.37 4.26
CA TYR A 387 -8.73 -11.99 3.95
C TYR A 387 -8.16 -10.91 4.89
N THR A 388 -8.72 -10.85 6.09
CA THR A 388 -8.26 -9.92 7.13
C THR A 388 -7.64 -10.80 8.21
N ILE A 389 -6.43 -10.48 8.66
CA ILE A 389 -5.75 -11.30 9.66
C ILE A 389 -6.41 -11.33 11.04
N ARG A 390 -5.92 -12.24 11.87
CA ARG A 390 -6.44 -12.45 13.22
C ARG A 390 -5.37 -12.11 14.25
N GLY A 391 -4.18 -11.80 13.75
CA GLY A 391 -3.07 -11.44 14.62
C GLY A 391 -1.82 -11.09 13.85
N TYR A 392 -1.08 -10.11 14.34
CA TYR A 392 0.17 -9.70 13.70
C TYR A 392 1.17 -10.80 13.99
N TYR A 393 2.27 -10.81 13.25
CA TYR A 393 3.33 -11.79 13.42
C TYR A 393 4.01 -11.60 14.78
N LYS A 394 4.26 -12.71 15.47
CA LYS A 394 4.91 -12.71 16.78
C LYS A 394 4.75 -11.42 17.61
N ALA A 395 3.52 -11.12 18.01
CA ALA A 395 3.26 -9.92 18.78
C ALA A 395 2.06 -10.07 19.71
N GLU A 396 2.23 -10.82 20.80
CA GLU A 396 1.13 -11.02 21.74
C GLU A 396 0.55 -9.70 22.22
N GLU A 397 1.41 -8.80 22.69
CA GLU A 397 0.93 -7.52 23.20
C GLU A 397 0.05 -6.77 22.22
N HIS A 398 0.64 -6.25 21.16
CA HIS A 398 -0.12 -5.47 20.18
C HIS A 398 -1.39 -6.17 19.69
N ASN A 399 -1.40 -7.51 19.73
CA ASN A 399 -2.56 -8.28 19.28
C ASN A 399 -3.77 -8.16 20.21
N ALA A 400 -3.50 -8.00 21.50
CA ALA A 400 -4.59 -7.85 22.44
C ALA A 400 -5.25 -6.52 22.12
N ALA A 401 -4.42 -5.48 22.06
CA ALA A 401 -4.86 -4.13 21.75
C ALA A 401 -5.47 -3.98 20.37
N SER A 402 -5.03 -4.82 19.43
CA SER A 402 -5.50 -4.72 18.05
C SER A 402 -6.70 -5.57 17.64
N PHE A 403 -6.93 -6.68 18.32
CA PHE A 403 -8.08 -7.52 17.96
C PHE A 403 -9.03 -7.77 19.12
N THR A 404 -10.33 -7.70 18.84
CA THR A 404 -11.34 -7.95 19.86
C THR A 404 -11.43 -9.47 20.05
N GLU A 405 -12.23 -9.91 21.02
CA GLU A 405 -12.38 -11.34 21.31
C GLU A 405 -13.13 -12.05 20.20
N ASP A 406 -13.98 -11.32 19.52
CA ASP A 406 -14.79 -11.85 18.42
C ASP A 406 -13.98 -11.90 17.12
N GLY A 407 -12.70 -11.56 17.21
CA GLY A 407 -11.84 -11.58 16.02
C GLY A 407 -11.93 -10.36 15.10
N PHE A 408 -12.36 -9.23 15.65
CA PHE A 408 -12.48 -8.02 14.84
C PHE A 408 -11.22 -7.15 14.95
N TYR A 409 -10.58 -6.91 13.81
CA TYR A 409 -9.37 -6.10 13.77
C TYR A 409 -9.69 -4.61 13.95
N ARG A 410 -8.83 -3.90 14.69
CA ARG A 410 -9.03 -2.47 14.91
C ARG A 410 -8.21 -1.69 13.89
N THR A 411 -8.82 -1.39 12.75
CA THR A 411 -8.16 -0.69 11.66
C THR A 411 -7.45 0.60 12.04
N GLY A 412 -7.92 1.27 13.08
CA GLY A 412 -7.29 2.51 13.50
C GLY A 412 -7.74 3.72 12.72
N ASP A 413 -8.75 3.55 11.87
CA ASP A 413 -9.30 4.66 11.11
C ASP A 413 -10.58 5.10 11.79
N ILE A 414 -11.00 6.32 11.50
CA ILE A 414 -12.23 6.86 12.04
C ILE A 414 -13.07 7.08 10.81
N VAL A 415 -14.24 6.46 10.77
CA VAL A 415 -15.11 6.56 9.62
C VAL A 415 -16.58 6.59 10.02
N ARG A 416 -17.42 6.70 9.01
CA ARG A 416 -18.86 6.70 9.18
C ARG A 416 -19.36 5.90 7.98
N LEU A 417 -20.20 4.91 8.24
CA LEU A 417 -20.72 4.11 7.15
C LEU A 417 -21.82 4.91 6.50
N THR A 418 -21.90 4.82 5.19
CA THR A 418 -22.94 5.51 4.48
C THR A 418 -24.12 4.55 4.61
N ARG A 419 -25.33 5.09 4.62
CA ARG A 419 -26.51 4.24 4.78
C ARG A 419 -26.76 3.19 3.69
N ASP A 420 -25.70 2.76 3.00
CA ASP A 420 -25.79 1.74 1.95
C ASP A 420 -24.78 0.64 2.24
N GLY A 421 -23.55 1.06 2.54
CA GLY A 421 -22.47 0.14 2.84
C GLY A 421 -21.13 0.79 2.54
N TYR A 422 -21.14 1.93 1.87
CA TYR A 422 -19.91 2.64 1.53
C TYR A 422 -19.33 3.28 2.77
N ILE A 423 -18.02 3.47 2.75
CA ILE A 423 -17.33 4.10 3.87
C ILE A 423 -16.87 5.48 3.43
N VAL A 424 -16.92 6.43 4.36
CA VAL A 424 -16.45 7.77 4.07
C VAL A 424 -15.44 8.01 5.15
N VAL A 425 -14.17 7.83 4.79
CA VAL A 425 -13.05 8.02 5.70
C VAL A 425 -12.98 9.45 6.26
N GLU A 426 -12.62 9.57 7.52
CA GLU A 426 -12.48 10.89 8.14
C GLU A 426 -10.99 11.14 8.33
N GLY A 427 -10.28 10.09 8.75
CA GLY A 427 -8.85 10.18 8.97
C GLY A 427 -8.42 9.17 10.03
N ARG A 428 -7.12 8.94 10.14
CA ARG A 428 -6.64 8.00 11.15
C ARG A 428 -6.88 8.55 12.55
N ALA A 429 -7.12 7.64 13.48
CA ALA A 429 -7.35 8.00 14.87
C ALA A 429 -6.19 8.85 15.37
N LYS A 430 -4.97 8.42 15.07
CA LYS A 430 -3.77 9.13 15.50
C LYS A 430 -3.65 10.54 14.94
N ASP A 431 -4.28 10.78 13.79
CA ASP A 431 -4.20 12.08 13.15
C ASP A 431 -5.35 13.00 13.54
N GLN A 432 -6.23 12.51 14.39
CA GLN A 432 -7.35 13.32 14.86
C GLN A 432 -6.70 14.41 15.70
N ILE A 433 -7.29 15.59 15.75
CA ILE A 433 -6.69 16.68 16.54
C ILE A 433 -7.54 17.08 17.74
N ASN A 434 -7.07 16.68 18.93
CA ASN A 434 -7.75 16.96 20.19
C ASN A 434 -7.48 18.39 20.64
N ARG A 435 -8.27 19.32 20.12
CA ARG A 435 -8.12 20.73 20.45
C ARG A 435 -9.20 21.26 21.39
N GLY A 436 -8.82 21.49 22.64
CA GLY A 436 -9.73 22.02 23.64
C GLY A 436 -11.13 21.45 23.65
N GLY A 437 -11.26 20.17 24.01
CA GLY A 437 -12.57 19.53 24.06
C GLY A 437 -13.16 19.15 22.72
N GLU A 438 -12.67 19.75 21.64
CA GLU A 438 -13.18 19.43 20.32
C GLU A 438 -12.37 18.34 19.60
N LYS A 439 -13.03 17.59 18.73
CA LYS A 439 -12.40 16.53 17.94
C LYS A 439 -12.29 17.07 16.50
N VAL A 440 -11.11 17.56 16.13
CA VAL A 440 -10.93 18.14 14.80
C VAL A 440 -10.39 17.24 13.69
N ALA A 441 -11.18 17.11 12.64
CA ALA A 441 -10.80 16.32 11.48
C ALA A 441 -9.97 17.20 10.54
N ALA A 442 -8.70 16.85 10.38
CA ALA A 442 -7.78 17.61 9.53
C ALA A 442 -8.19 17.67 8.06
N GLU A 443 -8.53 16.51 7.50
CA GLU A 443 -8.90 16.43 6.10
C GLU A 443 -10.00 17.41 5.71
N GLU A 444 -10.98 17.61 6.59
CA GLU A 444 -12.05 18.54 6.30
C GLU A 444 -11.46 19.91 5.96
N VAL A 445 -10.56 20.39 6.81
CA VAL A 445 -9.90 21.67 6.59
C VAL A 445 -9.03 21.63 5.32
N GLU A 446 -8.37 20.50 5.11
CA GLU A 446 -7.50 20.33 3.95
C GLU A 446 -8.30 20.37 2.65
N ASN A 447 -9.44 19.70 2.63
CA ASN A 447 -10.28 19.66 1.44
C ASN A 447 -10.71 21.07 1.09
N HIS A 448 -10.98 21.86 2.11
CA HIS A 448 -11.37 23.25 1.91
C HIS A 448 -10.19 23.97 1.27
N LEU A 449 -9.03 23.87 1.92
CA LEU A 449 -7.83 24.54 1.43
C LEU A 449 -7.43 24.16 0.00
N LEU A 450 -7.65 22.90 -0.38
CA LEU A 450 -7.34 22.46 -1.74
C LEU A 450 -8.12 23.25 -2.78
N ALA A 451 -9.20 23.92 -2.36
CA ALA A 451 -10.03 24.70 -3.27
C ALA A 451 -9.49 26.10 -3.48
N HIS A 452 -8.41 26.43 -2.78
CA HIS A 452 -7.79 27.75 -2.91
C HIS A 452 -6.85 27.73 -4.11
N PRO A 453 -6.85 28.80 -4.91
CA PRO A 453 -6.00 28.89 -6.10
C PRO A 453 -4.51 28.75 -5.85
N ALA A 454 -4.04 29.25 -4.72
CA ALA A 454 -2.61 29.19 -4.42
C ALA A 454 -2.15 27.98 -3.62
N VAL A 455 -3.01 26.97 -3.51
CA VAL A 455 -2.64 25.78 -2.74
C VAL A 455 -2.53 24.50 -3.58
N HIS A 456 -1.33 23.94 -3.58
CA HIS A 456 -1.07 22.70 -4.31
C HIS A 456 -1.52 21.52 -3.45
N ASP A 457 -1.20 21.60 -2.16
CA ASP A 457 -1.59 20.56 -1.22
C ASP A 457 -1.58 21.13 0.19
N ALA A 458 -2.24 20.44 1.10
CA ALA A 458 -2.31 20.89 2.50
C ALA A 458 -2.48 19.72 3.44
N ALA A 459 -1.70 19.70 4.51
CA ALA A 459 -1.77 18.62 5.50
C ALA A 459 -1.75 19.23 6.89
N MET A 460 -2.89 19.16 7.57
CA MET A 460 -3.01 19.72 8.92
C MET A 460 -2.71 18.68 9.99
N VAL A 461 -1.92 19.09 10.98
CA VAL A 461 -1.52 18.18 12.05
C VAL A 461 -1.65 18.83 13.42
N SER A 462 -1.36 18.06 14.47
CA SER A 462 -1.48 18.59 15.81
C SER A 462 -0.15 19.00 16.42
N MET A 463 -0.21 20.01 17.30
CA MET A 463 0.96 20.50 18.03
C MET A 463 0.58 20.64 19.50
N PRO A 464 1.53 20.35 20.40
CA PRO A 464 1.26 20.45 21.85
C PRO A 464 0.82 21.83 22.30
N ASP A 465 -0.12 21.85 23.25
CA ASP A 465 -0.63 23.09 23.82
C ASP A 465 -1.02 22.75 25.24
N GLN A 466 -0.29 23.31 26.21
CA GLN A 466 -0.57 23.04 27.61
C GLN A 466 -1.97 23.46 28.08
N PHE A 467 -2.60 24.36 27.34
CA PHE A 467 -3.94 24.80 27.73
C PHE A 467 -5.03 23.89 27.13
N LEU A 468 -5.05 23.78 25.81
CA LEU A 468 -6.05 22.98 25.11
C LEU A 468 -5.63 21.53 24.84
N GLY A 469 -4.45 21.15 25.32
CA GLY A 469 -3.96 19.80 25.09
C GLY A 469 -3.23 19.76 23.74
N GLU A 470 -3.96 20.11 22.69
CA GLU A 470 -3.42 20.12 21.34
C GLU A 470 -3.90 21.34 20.59
N ARG A 471 -3.09 21.75 19.61
CA ARG A 471 -3.39 22.90 18.79
C ARG A 471 -3.29 22.36 17.37
N SER A 472 -3.59 23.18 16.38
CA SER A 472 -3.49 22.68 15.01
C SER A 472 -2.54 23.52 14.16
N CYS A 473 -1.67 22.84 13.42
CA CYS A 473 -0.72 23.50 12.53
C CYS A 473 -0.92 22.87 11.17
N VAL A 474 -1.23 23.69 10.17
CA VAL A 474 -1.44 23.17 8.83
C VAL A 474 -0.28 23.47 7.90
N PHE A 475 0.29 22.42 7.30
CA PHE A 475 1.39 22.62 6.36
C PHE A 475 0.83 22.75 4.95
N ILE A 476 1.21 23.84 4.29
CA ILE A 476 0.74 24.16 2.94
C ILE A 476 1.85 24.12 1.88
N ILE A 477 1.52 23.63 0.69
CA ILE A 477 2.47 23.60 -0.41
C ILE A 477 1.93 24.57 -1.45
N PRO A 478 2.62 25.70 -1.66
CA PRO A 478 2.21 26.73 -2.62
C PRO A 478 2.09 26.23 -4.05
N ARG A 479 1.22 26.88 -4.82
CA ARG A 479 1.04 26.53 -6.22
C ARG A 479 2.06 27.39 -6.98
N ASP A 480 2.82 28.16 -6.20
CA ASP A 480 3.86 29.04 -6.72
C ASP A 480 4.29 29.97 -5.60
N GLU A 481 3.81 31.20 -5.65
CA GLU A 481 4.14 32.20 -4.63
C GLU A 481 3.25 32.01 -3.40
N ALA A 482 3.86 31.59 -2.31
CA ALA A 482 3.15 31.36 -1.06
C ALA A 482 2.23 32.50 -0.65
N PRO A 483 0.94 32.18 -0.38
CA PRO A 483 -0.05 33.17 0.03
C PRO A 483 0.25 33.54 1.48
N LYS A 484 -0.46 34.51 2.01
CA LYS A 484 -0.24 34.90 3.38
C LYS A 484 -1.11 34.00 4.26
N ALA A 485 -0.57 33.58 5.41
CA ALA A 485 -1.30 32.72 6.32
C ALA A 485 -2.68 33.29 6.63
N ALA A 486 -2.71 34.60 6.89
CA ALA A 486 -3.96 35.29 7.22
C ALA A 486 -4.96 35.18 6.08
N GLU A 487 -4.45 35.14 4.86
CA GLU A 487 -5.27 35.04 3.66
C GLU A 487 -5.98 33.68 3.60
N LEU A 488 -5.32 32.64 4.10
CA LEU A 488 -5.92 31.31 4.09
C LEU A 488 -6.94 31.21 5.24
N LYS A 489 -6.62 31.78 6.38
CA LYS A 489 -7.53 31.74 7.51
C LYS A 489 -8.81 32.51 7.15
N ALA A 490 -8.68 33.52 6.30
CA ALA A 490 -9.82 34.32 5.87
C ALA A 490 -10.67 33.50 4.88
N PHE A 491 -9.97 32.80 4.00
CA PHE A 491 -10.57 31.96 2.97
C PHE A 491 -11.51 30.93 3.59
N LEU A 492 -11.02 30.25 4.62
CA LEU A 492 -11.78 29.23 5.31
C LEU A 492 -12.97 29.82 6.06
N ARG A 493 -12.76 31.00 6.64
CA ARG A 493 -13.79 31.67 7.40
C ARG A 493 -14.98 32.01 6.50
N GLU A 494 -14.68 32.44 5.28
CA GLU A 494 -15.73 32.82 4.33
C GLU A 494 -16.45 31.60 3.80
N ARG A 495 -15.81 30.44 3.93
CA ARG A 495 -16.41 29.20 3.47
C ARG A 495 -17.34 28.60 4.51
N GLY A 496 -17.35 29.19 5.70
CA GLY A 496 -18.20 28.70 6.77
C GLY A 496 -17.53 27.66 7.65
N LEU A 497 -16.22 27.54 7.54
CA LEU A 497 -15.44 26.58 8.34
C LEU A 497 -15.62 26.93 9.83
N ALA A 498 -15.98 25.94 10.64
CA ALA A 498 -16.15 26.16 12.09
C ALA A 498 -14.89 26.80 12.70
N ALA A 499 -15.09 27.76 13.59
CA ALA A 499 -13.97 28.46 14.23
C ALA A 499 -12.90 27.58 14.86
N TYR A 500 -13.32 26.56 15.59
CA TYR A 500 -12.36 25.71 16.24
C TYR A 500 -11.57 24.86 15.27
N LYS A 501 -12.01 24.82 14.01
CA LYS A 501 -11.34 24.04 12.98
C LYS A 501 -10.27 24.82 12.24
N ILE A 502 -10.39 26.15 12.26
CA ILE A 502 -9.42 27.00 11.60
C ILE A 502 -8.04 26.76 12.19
N PRO A 503 -7.05 26.49 11.34
CA PRO A 503 -5.68 26.23 11.79
C PRO A 503 -5.09 27.32 12.68
N ASP A 504 -4.65 26.94 13.87
CA ASP A 504 -4.04 27.88 14.79
C ASP A 504 -2.76 28.41 14.16
N ARG A 505 -2.06 27.54 13.46
CA ARG A 505 -0.80 27.89 12.81
C ARG A 505 -0.72 27.45 11.36
N VAL A 506 0.12 28.14 10.59
CA VAL A 506 0.32 27.83 9.18
C VAL A 506 1.81 27.77 8.85
N GLU A 507 2.21 26.76 8.09
CA GLU A 507 3.58 26.59 7.68
C GLU A 507 3.62 26.32 6.19
N PHE A 508 4.59 26.90 5.51
CA PHE A 508 4.72 26.69 4.08
C PHE A 508 5.95 25.84 3.83
N VAL A 509 5.80 24.87 2.94
CA VAL A 509 6.91 23.97 2.61
C VAL A 509 6.81 23.62 1.13
N GLU A 510 7.91 23.16 0.56
CA GLU A 510 7.94 22.77 -0.84
C GLU A 510 7.43 21.35 -1.04
N SER A 511 7.32 20.61 0.06
CA SER A 511 6.84 19.23 0.04
C SER A 511 6.66 18.68 1.45
N PHE A 512 6.01 17.53 1.55
CA PHE A 512 5.74 16.87 2.82
C PHE A 512 6.60 15.60 2.99
N PRO A 513 6.87 15.19 4.24
CA PRO A 513 7.66 13.98 4.48
C PRO A 513 6.77 12.81 4.08
N GLN A 514 7.33 11.74 3.53
CA GLN A 514 6.49 10.65 3.12
C GLN A 514 6.77 9.27 3.70
N THR A 515 5.79 8.38 3.55
CA THR A 515 5.93 6.99 3.99
C THR A 515 6.52 6.26 2.81
N GLY A 516 6.91 5.01 3.01
CA GLY A 516 7.49 4.24 1.94
C GLY A 516 6.66 4.20 0.66
N VAL A 517 5.35 4.02 0.78
CA VAL A 517 4.51 3.94 -0.39
C VAL A 517 4.30 5.32 -1.02
N GLY A 518 4.64 6.36 -0.28
CA GLY A 518 4.49 7.69 -0.86
C GLY A 518 3.43 8.60 -0.26
N LYS A 519 2.71 8.17 0.76
CA LYS A 519 1.71 9.05 1.33
C LYS A 519 2.36 10.00 2.33
N VAL A 520 1.60 10.99 2.78
CA VAL A 520 2.12 11.96 3.72
C VAL A 520 2.30 11.35 5.09
N SER A 521 3.45 11.63 5.71
CA SER A 521 3.74 11.11 7.04
C SER A 521 3.40 12.19 8.07
N LYS A 522 2.19 12.12 8.61
CA LYS A 522 1.81 13.12 9.58
C LYS A 522 2.56 12.99 10.90
N LYS A 523 3.23 11.86 11.10
CA LYS A 523 4.01 11.68 12.33
C LYS A 523 5.26 12.55 12.23
N ALA A 524 5.75 12.73 11.01
CA ALA A 524 6.94 13.53 10.77
C ALA A 524 6.56 14.99 10.87
N LEU A 525 5.46 15.37 10.22
CA LEU A 525 4.99 16.73 10.28
C LEU A 525 4.78 17.12 11.75
N ARG A 526 4.19 16.23 12.54
CA ARG A 526 3.97 16.54 13.95
C ARG A 526 5.33 16.81 14.61
N GLU A 527 6.30 15.97 14.29
CA GLU A 527 7.64 16.12 14.82
C GLU A 527 8.28 17.42 14.36
N ALA A 528 7.87 17.89 13.19
CA ALA A 528 8.40 19.11 12.58
C ALA A 528 7.95 20.36 13.32
N ILE A 529 6.65 20.44 13.59
CA ILE A 529 6.06 21.57 14.30
C ILE A 529 6.49 21.51 15.77
N SER A 530 6.52 20.30 16.30
CA SER A 530 6.93 20.08 17.67
C SER A 530 8.33 20.67 17.84
N GLU A 531 9.28 20.19 17.03
CA GLU A 531 10.66 20.67 17.08
C GLU A 531 10.73 22.18 16.89
N LYS A 532 10.10 22.65 15.81
CA LYS A 532 10.10 24.07 15.49
C LYS A 532 9.56 24.94 16.62
N LEU A 533 8.59 24.42 17.38
CA LEU A 533 7.99 25.15 18.49
C LEU A 533 8.98 25.38 19.63
N LEU A 534 9.65 24.30 20.03
CA LEU A 534 10.60 24.38 21.12
C LEU A 534 11.86 25.14 20.70
N ALA A 535 11.76 25.84 19.57
CA ALA A 535 12.87 26.64 19.06
C ALA A 535 12.82 28.02 19.71
N GLY A 536 11.67 28.34 20.29
CA GLY A 536 11.51 29.63 20.95
C GLY A 536 11.25 29.49 22.45
S SO4 B . 9.39 -21.08 12.69
O1 SO4 B . 9.56 -19.64 12.87
O2 SO4 B . 7.97 -21.42 12.47
O3 SO4 B . 10.19 -21.54 11.52
O4 SO4 B . 9.89 -21.75 13.90
S SO4 C . -20.05 -6.14 -6.69
O1 SO4 C . -19.98 -4.67 -6.82
O2 SO4 C . -21.46 -6.58 -6.80
O3 SO4 C . -19.24 -6.78 -7.75
O4 SO4 C . -19.52 -6.53 -5.37
#